data_7LXX
#
_entry.id   7LXX
#
loop_
_entity.id
_entity.type
_entity.pdbx_description
1 polymer 'S2L28 Fab Heavy Chain variable region'
2 polymer 'S2L28 Fab Light Chain variable region'
3 polymer 'Spike glycoprotein'
4 branched 2-acetamido-2-deoxy-beta-D-glucopyranose-(1-4)-[alpha-L-fucopyranose-(1-6)]2-acetamido-2-deoxy-beta-D-glucopyranose
5 non-polymer 2-acetamido-2-deoxy-beta-D-glucopyranose
#
loop_
_entity_poly.entity_id
_entity_poly.type
_entity_poly.pdbx_seq_one_letter_code
_entity_poly.pdbx_strand_id
1 'polypeptide(L)'
;EVQLVESGGGLVNPGGSLRLSCAASGFTFSDYTIHWVRQAPGKGLEWVSSISSSSNYIYYADSVKGRFTISRDNAKNSLS
LQMNSLRAEDTAVYYCARDGNAYKWLLAENVRFDYWGQGTLVTVSS
;
H
2 'polypeptide(L)'
;VTQPASVSGSPGQSITISCTGTSSDVGGYNYVSWYQQHPGKAPKLMIYDVSDRPSGVSNRFSGSKSGNTASLTISGLQAE
DEADYYCSSYTSSSTPNWVFGGGTKLT
;
L
3 'polypeptide(L)'
;MFVFLVLLPLVSSQCVNLTTRTQLPPAYTNSFTRGVYYPDKVFRSSVLHSTQDLFLPFFSNVTWFHAIHVSGTNGTKRFD
NPVLPFNDGVYFASTEKSNIIRGWIFGTTLDSKTQSLLIVNNATNVVIKVCEFQFCNDPFLGVYYHKNNKSWMESEFRVY
SSANNCTFEYVSQPFLMDLEGKQGNFKNLREFVFKNIDGYFKIYSKHTPINLVRDLPQGFSALEPLVDLPIGINITRFQT
LLALHRSYLTPGDSSSGWTAGAAAYYVGYLQPRTFLLKYNENGTITDAVDCALDPLSETKCTLKSFTVEKGIYQTSNFRV
QPTESIVRFPNITNLCPFGEVFNATRFASVYAWNRKRISNCVADYSVLYNSASFSTFKCYGVSPTKLNDLCFTNVYADSF
VIRGDEVRQIAPGQTGKIADYNYKLPDDFTGCVIAWNSNNLDSKVGGNYNYLYRLFRKSNLKPFERDISTEIYQAGSTPC
NGVEGFNCYFPLQSYGFQPTNGVGYQPYRVVVLSFELLHAPATVCGPKKSTNLVKNKCVNFNFNGLTGTGVLTESNKKFL
PFQQFGRDIADTTDAVRDPQTLEILDITPCSFGGVSVITPGTNTSNQVAVLYQDVNCTEVPVAIHADQLTPTWRVYSTGS
NVFQTRAGCLIGAEHVNNSYECDIPIGAGICASYQTQTNSPGSASSVASQSIIAYTMSLGAENSVAYSNNSIAIPTNFTI
SVTTEILPVSMTKTSVDCTMYICGDSTECSNLLLQYGSFCTQLNRALTGIAVEQDKNTQEVFAQVKQIYKTPPIKDFGGF
NFSQILPDPSKPSKRSPIEDLLFNKVTLADAGFIKQYGDCLGDIAARDLICAQKFNGLTVLPPLLTDEMIAQYTSALLAG
TITSGWTFGAGPALQIPFPMQMAYRFNGIGVTQNVLYENQKLIANQFNSAIGKIQDSLSSTPSALGKLQDVVNQNAQALN
TLVKQLSSNFGAISSVLNDILSRLDPPEAEVQIDRLITGRLQSLQTYVTQQLIRAAEIRASANLAATKMSECVLGQSKRV
DFCGKGYHLMSFPQSAPHGVVFLHVTYVPAQEKNFTTAPAICHDGKAHFPREGVFVSNGTHWFVTQRNFYEPQIITTDNT
FVSGNCDVVIGIVNNTVYDPLQPELDSFKEELDKYFKNHTSPDVDLGDISGINASVVNIQKEIDRLNEVAKNLNESLIDL
QELGKYEQGSGYIPEAPRDGQAYVRKDGEWVLLSTFLGRSLEVLFQGPGHHHHHHHHSAWSHPQFEKGGGSGGGGSGGSA
WSHPQFEK
;
A
#
# COMPACT_ATOMS: atom_id res chain seq x y z
N GLU A 1 -12.14 -11.70 13.71
CA GLU A 1 -12.12 -12.07 12.30
C GLU A 1 -12.21 -10.83 11.42
N VAL A 2 -11.28 -10.71 10.47
CA VAL A 2 -11.24 -9.60 9.51
C VAL A 2 -12.16 -9.86 8.35
N GLN A 3 -13.05 -8.91 8.07
CA GLN A 3 -14.02 -9.08 7.00
C GLN A 3 -14.16 -7.83 6.15
N LEU A 4 -14.43 -8.05 4.88
CA LEU A 4 -14.77 -6.98 3.93
C LEU A 4 -15.99 -7.41 3.14
N VAL A 5 -17.02 -6.57 3.11
CA VAL A 5 -18.24 -6.95 2.43
C VAL A 5 -18.60 -5.99 1.32
N GLU A 6 -18.46 -6.43 0.08
CA GLU A 6 -18.78 -5.62 -1.09
C GLU A 6 -20.28 -5.55 -1.34
N SER A 7 -20.73 -4.37 -1.73
CA SER A 7 -22.12 -4.15 -2.11
C SER A 7 -22.18 -3.21 -3.30
N GLY A 8 -23.34 -3.15 -3.96
CA GLY A 8 -23.54 -2.20 -5.03
C GLY A 8 -23.30 -2.78 -6.42
N GLY A 9 -23.15 -4.09 -6.51
CA GLY A 9 -22.96 -4.71 -7.81
C GLY A 9 -24.30 -4.77 -8.54
N GLY A 10 -24.31 -5.40 -9.71
CA GLY A 10 -25.54 -5.46 -10.48
C GLY A 10 -25.31 -5.25 -11.97
N LEU A 11 -26.40 -5.01 -12.70
CA LEU A 11 -26.34 -4.83 -14.14
C LEU A 11 -26.57 -3.38 -14.53
N VAL A 12 -25.70 -2.87 -15.39
CA VAL A 12 -25.83 -1.53 -15.91
C VAL A 12 -25.64 -1.50 -17.42
N ASN A 13 -26.11 -0.44 -18.06
CA ASN A 13 -25.86 -0.24 -19.48
C ASN A 13 -24.48 0.35 -19.67
N PRO A 14 -23.84 0.14 -20.82
CA PRO A 14 -22.65 0.82 -21.25
C PRO A 14 -22.89 2.31 -21.25
N GLY A 15 -21.87 3.06 -20.85
CA GLY A 15 -21.96 4.51 -20.85
C GLY A 15 -22.55 5.04 -19.56
N GLY A 16 -23.02 4.14 -18.71
CA GLY A 16 -23.64 4.54 -17.46
C GLY A 16 -22.61 4.63 -16.35
N SER A 17 -23.08 4.55 -15.11
CA SER A 17 -22.19 4.63 -13.96
C SER A 17 -22.71 3.78 -12.82
N LEU A 18 -21.82 3.39 -11.93
CA LEU A 18 -22.19 2.55 -10.80
C LEU A 18 -21.27 2.79 -9.61
N ARG A 19 -21.86 2.92 -8.43
CA ARG A 19 -21.05 3.04 -7.23
C ARG A 19 -20.97 1.72 -6.48
N LEU A 20 -19.75 1.29 -6.23
CA LEU A 20 -19.51 0.12 -5.41
C LEU A 20 -19.02 0.58 -4.06
N SER A 21 -19.26 -0.23 -3.03
CA SER A 21 -18.71 0.07 -1.73
C SER A 21 -18.53 -1.19 -0.93
N CYS A 22 -17.63 -1.17 0.05
CA CYS A 22 -17.49 -2.29 0.97
C CYS A 22 -17.25 -1.82 2.39
N ALA A 23 -17.87 -2.51 3.33
CA ALA A 23 -17.73 -2.18 4.74
C ALA A 23 -16.65 -3.03 5.37
N ALA A 24 -15.90 -2.45 6.28
CA ALA A 24 -14.82 -3.16 6.94
C ALA A 24 -15.13 -3.43 8.40
N SER A 25 -14.67 -4.57 8.89
CA SER A 25 -14.78 -4.89 10.30
C SER A 25 -13.66 -5.83 10.73
N GLY A 26 -13.39 -5.87 12.03
CA GLY A 26 -12.42 -6.81 12.59
C GLY A 26 -11.01 -6.22 12.69
N PHE A 27 -10.84 -5.01 12.19
CA PHE A 27 -9.53 -4.37 12.22
C PHE A 27 -9.70 -2.86 12.22
N THR A 28 -8.61 -2.14 12.47
CA THR A 28 -8.69 -0.70 12.41
C THR A 28 -8.60 -0.23 10.96
N PHE A 29 -9.72 0.25 10.45
CA PHE A 29 -9.85 0.64 9.06
C PHE A 29 -8.81 1.69 8.70
N SER A 30 -8.61 2.63 9.60
CA SER A 30 -7.76 3.79 9.33
C SER A 30 -6.27 3.46 9.34
N ASP A 31 -5.92 2.22 9.66
CA ASP A 31 -4.51 1.85 9.69
C ASP A 31 -4.04 1.15 8.42
N TYR A 32 -4.94 0.90 7.48
CA TYR A 32 -4.58 0.12 6.31
C TYR A 32 -5.00 0.74 4.98
N THR A 33 -4.19 0.48 3.97
CA THR A 33 -4.51 0.80 2.58
C THR A 33 -5.40 -0.26 2.00
N ILE A 34 -6.41 0.14 1.25
CA ILE A 34 -7.32 -0.84 0.67
C ILE A 34 -7.35 -0.74 -0.85
N HIS A 35 -7.23 -1.89 -1.50
CA HIS A 35 -7.15 -1.96 -2.95
C HIS A 35 -8.39 -2.57 -3.56
N TRP A 36 -8.70 -2.17 -4.78
CA TRP A 36 -9.70 -2.86 -5.57
C TRP A 36 -9.03 -3.66 -6.67
N VAL A 37 -9.49 -4.89 -6.84
CA VAL A 37 -8.99 -5.78 -7.86
C VAL A 37 -10.16 -6.38 -8.60
N ARG A 38 -10.07 -6.51 -9.91
CA ARG A 38 -11.18 -7.08 -10.65
C ARG A 38 -10.78 -8.32 -11.42
N GLN A 39 -11.72 -9.22 -11.59
CA GLN A 39 -11.49 -10.45 -12.33
C GLN A 39 -12.56 -10.71 -13.36
N ALA A 40 -12.23 -10.51 -14.63
CA ALA A 40 -13.19 -10.79 -15.69
C ALA A 40 -13.45 -12.29 -15.70
N PRO A 41 -14.66 -12.74 -16.01
CA PRO A 41 -15.03 -14.14 -16.09
C PRO A 41 -14.07 -14.91 -16.97
N GLY A 42 -13.50 -15.97 -16.42
CA GLY A 42 -12.59 -16.84 -17.17
C GLY A 42 -11.18 -16.25 -17.28
N LYS A 43 -10.95 -15.11 -16.65
CA LYS A 43 -9.66 -14.44 -16.74
C LYS A 43 -8.98 -14.35 -15.39
N GLY A 44 -7.79 -13.76 -15.38
CA GLY A 44 -7.01 -13.64 -14.15
C GLY A 44 -7.34 -12.35 -13.43
N LEU A 45 -6.51 -11.99 -12.46
CA LEU A 45 -6.76 -10.82 -11.65
C LEU A 45 -6.11 -9.60 -12.25
N GLU A 46 -6.79 -8.47 -12.16
CA GLU A 46 -6.22 -7.20 -12.60
C GLU A 46 -6.41 -6.15 -11.52
N TRP A 47 -5.32 -5.49 -11.14
CA TRP A 47 -5.39 -4.45 -10.13
C TRP A 47 -6.09 -3.23 -10.69
N VAL A 48 -6.99 -2.64 -9.93
CA VAL A 48 -7.77 -1.51 -10.42
C VAL A 48 -7.31 -0.20 -9.81
N SER A 49 -7.32 -0.12 -8.49
CA SER A 49 -6.98 1.12 -7.81
C SER A 49 -6.66 0.88 -6.36
N SER A 50 -6.12 1.90 -5.71
CA SER A 50 -5.85 1.81 -4.28
C SER A 50 -5.97 3.17 -3.63
N ILE A 51 -6.40 3.17 -2.37
CA ILE A 51 -6.45 4.40 -1.60
C ILE A 51 -5.79 4.20 -0.24
N SER A 52 -4.85 5.07 0.08
CA SER A 52 -4.13 5.00 1.34
C SER A 52 -5.00 5.42 2.50
N SER A 53 -4.56 5.13 3.72
CA SER A 53 -5.36 5.39 4.90
C SER A 53 -5.69 6.87 5.08
N SER A 54 -4.77 7.73 4.67
CA SER A 54 -4.97 9.17 4.75
C SER A 54 -5.76 9.71 3.57
N SER A 55 -5.98 8.86 2.58
CA SER A 55 -6.60 9.23 1.31
C SER A 55 -5.74 10.19 0.51
N ASN A 56 -4.52 10.43 0.94
CA ASN A 56 -3.63 11.34 0.23
C ASN A 56 -2.96 10.67 -0.96
N TYR A 57 -2.75 9.36 -0.85
CA TYR A 57 -2.08 8.64 -1.92
C TYR A 57 -3.05 7.72 -2.62
N ILE A 58 -3.40 8.08 -3.84
CA ILE A 58 -4.36 7.32 -4.62
C ILE A 58 -3.77 6.92 -5.96
N TYR A 59 -3.93 5.65 -6.30
CA TYR A 59 -3.39 5.15 -7.54
C TYR A 59 -4.47 4.47 -8.37
N TYR A 60 -4.37 4.58 -9.68
CA TYR A 60 -5.29 3.90 -10.58
C TYR A 60 -4.54 3.18 -11.67
N ALA A 61 -5.07 2.05 -12.10
CA ALA A 61 -4.58 1.41 -13.30
C ALA A 61 -4.85 2.31 -14.49
N ASP A 62 -3.97 2.28 -15.48
CA ASP A 62 -4.13 3.15 -16.64
C ASP A 62 -5.42 2.87 -17.37
N SER A 63 -5.87 1.62 -17.30
CA SER A 63 -7.09 1.21 -17.97
C SER A 63 -8.35 1.82 -17.38
N VAL A 64 -8.28 2.32 -16.16
CA VAL A 64 -9.44 2.92 -15.52
C VAL A 64 -9.20 4.37 -15.14
N LYS A 65 -7.94 4.77 -15.14
CA LYS A 65 -7.56 6.11 -14.76
C LYS A 65 -8.30 7.13 -15.58
N GLY A 66 -8.91 8.09 -14.90
CA GLY A 66 -9.65 9.15 -15.57
C GLY A 66 -11.15 8.88 -15.59
N ARG A 67 -11.54 7.64 -15.28
CA ARG A 67 -12.95 7.29 -15.26
C ARG A 67 -13.41 6.92 -13.86
N PHE A 68 -12.55 6.24 -13.12
CA PHE A 68 -12.90 5.78 -11.79
C PHE A 68 -12.45 6.77 -10.73
N THR A 69 -13.28 6.93 -9.69
CA THR A 69 -12.91 7.75 -8.54
C THR A 69 -13.06 6.95 -7.25
N ILE A 70 -12.01 6.92 -6.45
CA ILE A 70 -12.04 6.17 -5.21
C ILE A 70 -11.99 7.10 -4.01
N SER A 71 -12.78 6.78 -2.98
CA SER A 71 -12.81 7.57 -1.77
C SER A 71 -13.17 6.72 -0.58
N ARG A 72 -12.76 7.14 0.61
CA ARG A 72 -13.07 6.38 1.81
C ARG A 72 -13.53 7.26 2.95
N ASP A 73 -14.46 6.72 3.72
CA ASP A 73 -14.95 7.38 4.92
C ASP A 73 -14.47 6.64 6.15
N ASN A 74 -13.43 7.15 6.78
CA ASN A 74 -12.82 6.45 7.89
C ASN A 74 -13.76 6.39 9.08
N ALA A 75 -14.57 7.43 9.26
CA ALA A 75 -15.48 7.49 10.38
C ALA A 75 -16.50 6.35 10.32
N LYS A 76 -16.90 5.97 9.11
CA LYS A 76 -17.90 4.93 8.94
C LYS A 76 -17.29 3.58 8.56
N ASN A 77 -15.97 3.50 8.55
CA ASN A 77 -15.31 2.26 8.14
C ASN A 77 -15.85 1.78 6.79
N SER A 78 -15.94 2.68 5.83
CA SER A 78 -16.55 2.37 4.55
C SER A 78 -15.78 2.91 3.35
N LEU A 79 -15.49 2.02 2.40
CA LEU A 79 -14.76 2.37 1.18
C LEU A 79 -15.68 2.37 -0.04
N SER A 80 -15.62 3.43 -0.83
CA SER A 80 -16.44 3.52 -2.03
C SER A 80 -15.62 3.71 -3.31
N LEU A 81 -16.15 3.19 -4.41
CA LEU A 81 -15.56 3.34 -5.73
C LEU A 81 -16.62 3.74 -6.76
N GLN A 82 -16.44 4.90 -7.36
CA GLN A 82 -17.40 5.40 -8.34
C GLN A 82 -16.89 5.19 -9.75
N MET A 83 -17.60 4.37 -10.52
CA MET A 83 -17.18 4.08 -11.87
C MET A 83 -18.04 4.81 -12.89
N ASN A 84 -17.47 5.78 -13.57
CA ASN A 84 -18.20 6.56 -14.55
C ASN A 84 -17.84 6.13 -15.96
N SER A 85 -18.73 6.38 -16.91
CA SER A 85 -18.45 6.09 -18.31
C SER A 85 -17.86 4.69 -18.45
N LEU A 86 -18.55 3.71 -17.90
CA LEU A 86 -18.08 2.34 -17.95
C LEU A 86 -18.48 1.66 -19.25
N ARG A 87 -17.77 0.58 -19.59
CA ARG A 87 -18.00 -0.11 -20.84
C ARG A 87 -18.12 -1.62 -20.66
N ALA A 88 -18.46 -2.31 -21.74
CA ALA A 88 -18.59 -3.77 -21.72
C ALA A 88 -17.28 -4.42 -21.26
N GLU A 89 -16.16 -3.78 -21.58
CA GLU A 89 -14.84 -4.29 -21.23
C GLU A 89 -14.60 -4.30 -19.72
N ASP A 90 -15.44 -3.61 -18.98
CA ASP A 90 -15.28 -3.50 -17.54
C ASP A 90 -16.05 -4.57 -16.79
N THR A 91 -16.69 -5.50 -17.52
CA THR A 91 -17.40 -6.57 -16.84
C THR A 91 -16.41 -7.44 -16.08
N ALA A 92 -16.64 -7.56 -14.78
CA ALA A 92 -15.73 -8.30 -13.92
C ALA A 92 -16.29 -8.45 -12.53
N VAL A 93 -15.74 -9.37 -11.77
CA VAL A 93 -16.03 -9.43 -10.35
C VAL A 93 -15.06 -8.53 -9.62
N TYR A 94 -15.59 -7.60 -8.85
CA TYR A 94 -14.76 -6.65 -8.14
C TYR A 94 -14.61 -7.04 -6.69
N TYR A 95 -13.38 -7.03 -6.22
CA TYR A 95 -13.06 -7.31 -4.83
C TYR A 95 -12.39 -6.10 -4.22
N CYS A 96 -12.59 -5.92 -2.91
CA CYS A 96 -11.84 -4.91 -2.14
C CYS A 96 -10.94 -5.71 -1.18
N ALA A 97 -9.64 -5.41 -1.09
CA ALA A 97 -8.73 -6.22 -0.30
C ALA A 97 -7.85 -5.36 0.59
N ARG A 98 -7.58 -5.88 1.77
CA ARG A 98 -6.75 -5.20 2.75
C ARG A 98 -5.28 -5.43 2.49
N ASP A 99 -4.56 -4.33 2.36
CA ASP A 99 -3.11 -4.35 2.16
C ASP A 99 -2.44 -4.86 3.42
N GLY A 100 -1.66 -5.91 3.28
CA GLY A 100 -1.02 -6.54 4.42
C GLY A 100 0.14 -5.70 4.94
N ASN A 101 0.57 -4.72 4.17
CA ASN A 101 1.68 -3.88 4.57
C ASN A 101 1.16 -2.70 5.38
N ALA A 102 1.31 -2.81 6.70
CA ALA A 102 0.77 -1.79 7.59
C ALA A 102 1.73 -0.63 7.72
N TYR A 103 2.86 -0.71 7.02
CA TYR A 103 3.88 0.32 7.14
C TYR A 103 4.25 0.84 5.76
N LYS A 104 3.36 1.63 5.20
CA LYS A 104 3.51 2.10 3.83
C LYS A 104 4.46 3.26 3.80
N TRP A 105 4.83 3.75 4.97
CA TRP A 105 5.79 4.82 5.09
C TRP A 105 7.20 4.29 4.97
N LEU A 106 7.35 2.97 4.99
CA LEU A 106 8.65 2.36 4.89
C LEU A 106 8.87 1.84 3.47
N LEU A 107 7.91 1.05 2.98
CA LEU A 107 7.97 0.51 1.63
C LEU A 107 6.65 0.67 0.91
N ALA A 108 6.39 1.87 0.41
CA ALA A 108 5.10 2.18 -0.18
C ALA A 108 4.79 1.24 -1.34
N GLU A 109 5.82 0.86 -2.08
CA GLU A 109 5.68 0.03 -3.26
C GLU A 109 5.38 -1.43 -2.95
N ASN A 110 5.62 -1.84 -1.71
CA ASN A 110 5.47 -3.24 -1.36
C ASN A 110 4.04 -3.58 -1.00
N VAL A 111 3.33 -4.25 -1.90
CA VAL A 111 1.92 -4.54 -1.72
C VAL A 111 1.60 -6.01 -1.69
N ARG A 112 0.86 -6.41 -0.67
CA ARG A 112 0.32 -7.75 -0.55
C ARG A 112 -1.11 -7.66 -0.06
N PHE A 113 -1.92 -8.65 -0.35
CA PHE A 113 -3.34 -8.58 -0.02
C PHE A 113 -3.73 -9.66 0.98
N ASP A 114 -3.72 -9.31 2.26
CA ASP A 114 -3.92 -10.31 3.30
C ASP A 114 -5.37 -10.78 3.36
N TYR A 115 -6.30 -9.85 3.17
CA TYR A 115 -7.70 -10.21 3.29
C TYR A 115 -8.50 -9.72 2.11
N TRP A 116 -9.35 -10.60 1.59
CA TRP A 116 -10.20 -10.28 0.45
C TRP A 116 -11.66 -10.40 0.84
N GLY A 117 -12.48 -9.54 0.25
CA GLY A 117 -13.92 -9.68 0.44
C GLY A 117 -14.45 -10.78 -0.47
N GLN A 118 -15.75 -11.02 -0.41
CA GLN A 118 -16.36 -12.05 -1.24
C GLN A 118 -16.36 -11.66 -2.71
N GLY A 119 -16.50 -10.36 -2.95
CA GLY A 119 -16.52 -9.83 -4.30
C GLY A 119 -17.94 -9.65 -4.81
N THR A 120 -18.12 -8.69 -5.70
CA THR A 120 -19.44 -8.44 -6.28
C THR A 120 -19.34 -8.30 -7.79
N LEU A 121 -20.28 -8.90 -8.51
CA LEU A 121 -20.23 -8.89 -9.96
C LEU A 121 -20.85 -7.65 -10.57
N VAL A 122 -20.10 -7.03 -11.48
CA VAL A 122 -20.61 -5.92 -12.25
C VAL A 122 -20.67 -6.29 -13.72
N THR A 123 -21.87 -6.25 -14.29
CA THR A 123 -22.06 -6.63 -15.68
C THR A 123 -22.51 -5.44 -16.50
N VAL A 124 -21.83 -5.21 -17.62
CA VAL A 124 -22.16 -4.06 -18.45
C VAL A 124 -22.64 -4.51 -19.82
N SER A 125 -23.95 -4.47 -20.03
CA SER A 125 -24.54 -4.97 -21.26
C SER A 125 -26.02 -4.58 -21.35
N SER A 126 -26.63 -4.80 -22.52
CA SER A 126 -28.05 -4.57 -22.70
C SER A 126 -28.56 -5.32 -23.92
N VAL B 1 4.27 -9.87 -16.94
CA VAL B 1 4.54 -10.99 -16.06
C VAL B 1 4.01 -12.29 -16.69
N THR B 2 4.92 -13.24 -16.95
CA THR B 2 4.60 -14.49 -17.61
C THR B 2 4.60 -15.68 -16.65
N GLN B 3 3.55 -16.47 -16.73
CA GLN B 3 3.47 -17.70 -15.97
C GLN B 3 3.07 -18.85 -16.89
N PRO B 4 3.42 -20.10 -16.54
CA PRO B 4 2.94 -21.31 -17.16
C PRO B 4 1.42 -21.34 -17.14
N ALA B 5 0.82 -21.85 -18.20
CA ALA B 5 -0.64 -21.94 -18.24
C ALA B 5 -1.14 -22.95 -17.22
N SER B 6 -0.39 -24.03 -17.05
CA SER B 6 -0.77 -25.11 -16.16
C SER B 6 0.42 -25.94 -15.72
N VAL B 7 0.33 -26.46 -14.51
CA VAL B 7 1.32 -27.41 -14.00
C VAL B 7 0.62 -28.60 -13.37
N SER B 8 1.33 -29.71 -13.28
CA SER B 8 0.76 -30.91 -12.69
C SER B 8 1.84 -31.85 -12.21
N GLY B 9 1.43 -32.85 -11.43
CA GLY B 9 2.34 -33.87 -10.94
C GLY B 9 1.62 -34.82 -9.99
N SER B 10 2.25 -35.94 -9.70
CA SER B 10 1.64 -36.91 -8.81
C SER B 10 1.60 -36.34 -7.39
N PRO B 11 0.64 -36.77 -6.57
CA PRO B 11 0.55 -36.48 -5.16
C PRO B 11 1.86 -36.83 -4.49
N GLY B 12 2.29 -35.99 -3.56
CA GLY B 12 3.53 -36.21 -2.82
C GLY B 12 4.74 -35.57 -3.50
N GLN B 13 4.59 -35.14 -4.75
CA GLN B 13 5.69 -34.53 -5.48
C GLN B 13 5.76 -33.04 -5.28
N SER B 14 6.92 -32.47 -5.57
CA SER B 14 7.11 -31.03 -5.44
C SER B 14 7.00 -30.34 -6.78
N ILE B 15 6.06 -29.40 -6.89
CA ILE B 15 5.83 -28.68 -8.14
C ILE B 15 6.27 -27.24 -8.05
N THR B 16 7.03 -26.80 -9.04
CA THR B 16 7.51 -25.43 -9.09
C THR B 16 6.80 -24.60 -10.15
N ILE B 17 6.20 -23.50 -9.73
CA ILE B 17 5.53 -22.58 -10.64
C ILE B 17 6.35 -21.33 -10.85
N SER B 18 6.80 -21.11 -12.08
CA SER B 18 7.67 -19.99 -12.38
C SER B 18 6.86 -18.71 -12.65
N CYS B 19 7.51 -17.56 -12.46
CA CYS B 19 6.95 -16.25 -12.72
C CYS B 19 8.02 -15.31 -13.27
N THR B 20 8.02 -15.12 -14.58
CA THR B 20 9.09 -14.38 -15.23
C THR B 20 8.66 -12.99 -15.60
N GLY B 21 9.42 -12.00 -15.12
CA GLY B 21 9.18 -10.62 -15.44
C GLY B 21 10.44 -9.98 -15.98
N THR B 22 10.63 -8.71 -15.66
CA THR B 22 11.81 -7.97 -16.09
C THR B 22 12.48 -7.30 -14.90
N SER B 23 13.53 -6.54 -15.17
CA SER B 23 14.32 -5.93 -14.10
C SER B 23 13.51 -4.92 -13.30
N SER B 24 12.56 -4.28 -13.97
CA SER B 24 11.72 -3.27 -13.33
C SER B 24 10.57 -3.88 -12.55
N ASP B 25 10.41 -5.20 -12.62
CA ASP B 25 9.27 -5.86 -12.03
C ASP B 25 9.67 -6.91 -11.00
N VAL B 26 10.49 -7.86 -11.42
CA VAL B 26 10.86 -8.97 -10.56
C VAL B 26 12.31 -8.87 -10.11
N GLY B 27 13.19 -8.48 -11.03
CA GLY B 27 14.62 -8.46 -10.75
C GLY B 27 14.98 -7.52 -9.61
N GLY B 28 14.61 -6.26 -9.75
CA GLY B 28 15.01 -5.23 -8.78
C GLY B 28 14.04 -5.06 -7.61
N TYR B 29 12.95 -5.81 -7.60
CA TYR B 29 11.97 -5.65 -6.54
C TYR B 29 11.58 -6.96 -5.89
N ASN B 30 12.01 -7.17 -4.65
CA ASN B 30 11.67 -8.39 -3.94
C ASN B 30 10.33 -8.24 -3.23
N TYR B 31 9.31 -7.90 -4.01
CA TYR B 31 7.97 -7.69 -3.48
C TYR B 31 6.99 -8.69 -4.06
N VAL B 32 7.53 -9.77 -4.61
CA VAL B 32 6.71 -10.77 -5.25
C VAL B 32 5.85 -11.53 -4.26
N SER B 33 4.58 -11.74 -4.60
CA SER B 33 3.67 -12.48 -3.75
C SER B 33 2.86 -13.46 -4.56
N TRP B 34 2.33 -14.48 -3.89
CA TRP B 34 1.54 -15.51 -4.57
C TRP B 34 0.18 -15.70 -3.93
N TYR B 35 -0.82 -15.90 -4.76
CA TYR B 35 -2.20 -16.04 -4.25
C TYR B 35 -2.85 -17.31 -4.79
N GLN B 36 -3.58 -18.03 -3.95
CA GLN B 36 -4.28 -19.25 -4.32
C GLN B 36 -5.77 -19.02 -4.45
N GLN B 37 -6.31 -19.22 -5.64
CA GLN B 37 -7.73 -19.01 -5.84
C GLN B 37 -8.47 -20.30 -6.14
N HIS B 38 -9.38 -20.67 -5.25
CA HIS B 38 -10.26 -21.80 -5.48
C HIS B 38 -11.46 -21.32 -6.28
N PRO B 39 -12.02 -22.16 -7.15
CA PRO B 39 -13.18 -21.85 -7.96
C PRO B 39 -14.31 -21.26 -7.15
N GLY B 40 -14.77 -20.08 -7.56
CA GLY B 40 -15.91 -19.43 -6.94
C GLY B 40 -15.55 -18.66 -5.68
N LYS B 41 -14.27 -18.66 -5.30
CA LYS B 41 -13.86 -18.02 -4.07
C LYS B 41 -12.84 -16.91 -4.30
N ALA B 42 -12.76 -15.98 -3.35
CA ALA B 42 -11.72 -14.96 -3.38
C ALA B 42 -10.38 -15.64 -3.09
N PRO B 43 -9.30 -15.15 -3.69
CA PRO B 43 -7.94 -15.64 -3.55
C PRO B 43 -7.37 -15.42 -2.15
N LYS B 44 -6.50 -16.34 -1.74
CA LYS B 44 -5.81 -16.25 -0.46
C LYS B 44 -4.33 -15.97 -0.65
N LEU B 45 -3.75 -15.16 0.21
CA LEU B 45 -2.32 -14.90 0.15
C LEU B 45 -1.54 -16.08 0.71
N MET B 46 -0.61 -16.62 -0.08
CA MET B 46 0.16 -17.78 0.35
C MET B 46 1.58 -17.41 0.69
N ILE B 47 2.18 -16.55 -0.12
CA ILE B 47 3.56 -16.11 0.03
C ILE B 47 3.69 -14.63 -0.26
N TYR B 48 4.55 -13.93 0.48
CA TYR B 48 4.81 -12.52 0.23
C TYR B 48 6.27 -12.19 0.43
N ASP B 49 6.71 -11.06 -0.11
CA ASP B 49 8.12 -10.68 -0.01
C ASP B 49 8.99 -11.83 -0.48
N VAL B 50 8.59 -12.44 -1.58
CA VAL B 50 9.29 -13.54 -2.24
C VAL B 50 9.18 -14.86 -1.49
N SER B 51 9.58 -14.90 -0.22
CA SER B 51 9.62 -16.16 0.49
C SER B 51 8.82 -16.22 1.80
N ASP B 52 8.39 -15.07 2.31
CA ASP B 52 7.74 -15.07 3.62
C ASP B 52 6.35 -15.68 3.55
N ARG B 53 5.98 -16.38 4.61
CA ARG B 53 4.69 -17.07 4.66
C ARG B 53 3.82 -16.55 5.80
N PRO B 54 2.58 -16.12 5.52
CA PRO B 54 1.58 -15.67 6.47
C PRO B 54 1.19 -16.79 7.43
N SER B 55 0.86 -16.42 8.65
CA SER B 55 0.37 -17.42 9.59
C SER B 55 -0.94 -18.00 9.09
N GLY B 56 -1.13 -19.30 9.29
CA GLY B 56 -2.34 -19.97 8.84
C GLY B 56 -2.08 -20.73 7.53
N VAL B 57 -0.95 -20.42 6.89
CA VAL B 57 -0.58 -21.10 5.66
C VAL B 57 0.34 -22.26 5.98
N SER B 58 0.08 -23.42 5.38
CA SER B 58 0.88 -24.61 5.66
C SER B 58 2.32 -24.40 5.26
N ASN B 59 3.23 -25.17 5.86
CA ASN B 59 4.65 -25.00 5.63
C ASN B 59 5.13 -25.75 4.41
N ARG B 60 4.19 -26.27 3.64
CA ARG B 60 4.50 -26.96 2.41
C ARG B 60 4.74 -25.95 1.29
N PHE B 61 4.32 -24.72 1.51
CA PHE B 61 4.47 -23.67 0.52
C PHE B 61 5.67 -22.81 0.80
N SER B 62 6.56 -22.68 -0.18
CA SER B 62 7.73 -21.83 -0.04
C SER B 62 8.03 -21.13 -1.34
N GLY B 63 8.49 -19.89 -1.25
CA GLY B 63 8.83 -19.15 -2.44
C GLY B 63 10.33 -18.93 -2.55
N SER B 64 10.77 -18.55 -3.74
CA SER B 64 12.17 -18.24 -3.99
C SER B 64 12.29 -17.33 -5.20
N LYS B 65 13.46 -16.73 -5.38
CA LYS B 65 13.66 -15.88 -6.54
C LYS B 65 15.10 -15.91 -7.02
N SER B 66 15.28 -15.91 -8.33
CA SER B 66 16.59 -15.78 -8.94
C SER B 66 16.50 -15.03 -10.25
N GLY B 67 17.43 -14.14 -10.51
CA GLY B 67 17.38 -13.36 -11.74
C GLY B 67 16.07 -12.60 -11.81
N ASN B 68 15.35 -12.75 -12.92
CA ASN B 68 14.07 -12.07 -13.11
C ASN B 68 12.91 -13.05 -13.00
N THR B 69 13.19 -14.24 -12.47
CA THR B 69 12.15 -15.24 -12.34
C THR B 69 11.91 -15.63 -10.90
N ALA B 70 10.66 -15.51 -10.46
CA ALA B 70 10.27 -15.91 -9.14
C ALA B 70 9.60 -17.26 -9.21
N SER B 71 9.70 -18.05 -8.16
CA SER B 71 9.08 -19.37 -8.17
C SER B 71 8.33 -19.67 -6.89
N LEU B 72 7.23 -20.40 -7.05
CA LEU B 72 6.52 -20.96 -5.92
C LEU B 72 6.65 -22.46 -5.92
N THR B 73 7.16 -23.02 -4.84
CA THR B 73 7.34 -24.46 -4.79
C THR B 73 6.40 -25.07 -3.76
N ILE B 74 5.63 -26.06 -4.19
CA ILE B 74 4.68 -26.70 -3.30
C ILE B 74 5.08 -28.14 -3.04
N SER B 75 5.52 -28.42 -1.82
CA SER B 75 5.98 -29.75 -1.45
C SER B 75 4.86 -30.60 -0.92
N GLY B 76 4.97 -31.90 -1.08
CA GLY B 76 3.98 -32.80 -0.50
C GLY B 76 2.62 -32.57 -1.15
N LEU B 77 2.63 -32.31 -2.45
CA LEU B 77 1.41 -31.97 -3.17
C LEU B 77 0.21 -32.76 -2.69
N GLN B 78 -0.85 -32.03 -2.37
CA GLN B 78 -2.11 -32.63 -1.94
C GLN B 78 -3.18 -32.41 -3.00
N ALA B 79 -4.21 -33.25 -3.00
CA ALA B 79 -5.34 -33.06 -3.89
C ALA B 79 -6.02 -31.73 -3.60
N GLU B 80 -5.97 -31.32 -2.34
CA GLU B 80 -6.56 -30.08 -1.88
C GLU B 80 -5.96 -28.86 -2.56
N ASP B 81 -4.74 -29.00 -3.09
CA ASP B 81 -4.00 -27.88 -3.64
C ASP B 81 -4.52 -27.42 -5.00
N GLU B 82 -5.39 -28.19 -5.63
CA GLU B 82 -5.84 -27.78 -6.96
C GLU B 82 -6.41 -26.37 -6.89
N ALA B 83 -5.85 -25.47 -7.67
CA ALA B 83 -6.23 -24.06 -7.63
C ALA B 83 -5.52 -23.27 -8.71
N ASP B 84 -5.97 -22.04 -8.93
CA ASP B 84 -5.25 -21.13 -9.81
C ASP B 84 -4.32 -20.24 -9.01
N TYR B 85 -3.03 -20.34 -9.28
CA TYR B 85 -2.02 -19.58 -8.54
C TYR B 85 -1.55 -18.35 -9.30
N TYR B 86 -1.76 -17.19 -8.70
CA TYR B 86 -1.40 -15.94 -9.35
C TYR B 86 -0.15 -15.35 -8.75
N CYS B 87 0.73 -14.85 -9.62
CA CYS B 87 1.96 -14.15 -9.24
C CYS B 87 1.73 -12.65 -9.30
N SER B 88 2.00 -11.96 -8.20
CA SER B 88 1.81 -10.51 -8.18
C SER B 88 3.10 -9.80 -7.85
N SER B 89 3.32 -8.67 -8.49
CA SER B 89 4.53 -7.89 -8.24
C SER B 89 4.31 -6.41 -8.52
N TYR B 90 5.20 -5.59 -8.00
CA TYR B 90 5.19 -4.17 -8.26
C TYR B 90 6.00 -3.83 -9.48
N THR B 91 5.44 -3.03 -10.37
CA THR B 91 6.19 -2.60 -11.55
C THR B 91 6.44 -1.10 -11.48
N SER B 92 7.69 -0.72 -11.70
CA SER B 92 8.08 0.68 -11.61
C SER B 92 8.11 1.37 -12.96
N SER B 93 7.58 0.71 -13.98
CA SER B 93 7.54 1.32 -15.30
C SER B 93 6.56 2.48 -15.32
N SER B 94 6.96 3.58 -15.95
CA SER B 94 6.09 4.74 -16.08
C SER B 94 5.48 5.11 -14.74
N THR B 95 4.16 5.17 -14.68
CA THR B 95 3.45 5.49 -13.45
C THR B 95 3.32 4.23 -12.61
N PRO B 96 3.78 4.24 -11.35
CA PRO B 96 3.81 3.10 -10.44
C PRO B 96 2.48 2.36 -10.38
N ASN B 97 2.53 1.05 -10.58
CA ASN B 97 1.33 0.23 -10.50
C ASN B 97 1.68 -1.19 -10.11
N TRP B 98 0.66 -2.01 -9.90
CA TRP B 98 0.88 -3.39 -9.52
C TRP B 98 0.21 -4.31 -10.50
N VAL B 99 0.83 -5.46 -10.75
CA VAL B 99 0.35 -6.37 -11.78
C VAL B 99 0.27 -7.80 -11.30
N PHE B 100 -0.52 -8.59 -12.02
CA PHE B 100 -0.59 -10.02 -11.79
C PHE B 100 -0.17 -10.77 -13.03
N GLY B 101 0.32 -11.99 -12.85
CA GLY B 101 0.64 -12.84 -13.98
C GLY B 101 -0.62 -13.49 -14.51
N GLY B 102 -0.48 -14.29 -15.55
CA GLY B 102 -1.63 -14.91 -16.18
C GLY B 102 -2.39 -15.82 -15.23
N GLY B 103 -1.66 -16.50 -14.36
CA GLY B 103 -2.26 -17.44 -13.42
C GLY B 103 -2.00 -18.86 -13.88
N THR B 104 -1.44 -19.67 -13.00
CA THR B 104 -1.12 -21.05 -13.34
C THR B 104 -2.14 -22.00 -12.75
N LYS B 105 -2.76 -22.82 -13.59
CA LYS B 105 -3.71 -23.78 -13.08
C LYS B 105 -3.01 -25.04 -12.63
N LEU B 106 -3.12 -25.34 -11.34
CA LEU B 106 -2.50 -26.53 -10.78
C LEU B 106 -3.51 -27.66 -10.65
N THR B 107 -3.21 -28.78 -11.29
CA THR B 107 -4.06 -29.95 -11.21
C THR B 107 -3.29 -31.11 -10.55
N GLN C 14 10.64 14.50 -1.42
CA GLN C 14 9.19 14.34 -1.51
C GLN C 14 8.51 14.87 -0.25
N CYS C 15 7.60 15.84 -0.43
CA CYS C 15 6.83 16.43 0.65
C CYS C 15 5.57 15.63 0.94
N VAL C 16 5.17 15.59 2.20
CA VAL C 16 3.91 14.97 2.58
C VAL C 16 3.21 15.78 3.67
N ASN C 17 1.89 15.96 3.51
CA ASN C 17 1.06 16.59 4.53
C ASN C 17 0.70 15.58 5.61
N LEU C 18 0.90 15.96 6.88
CA LEU C 18 0.53 15.10 8.00
C LEU C 18 -0.94 15.27 8.35
N THR C 19 -1.57 14.19 8.77
CA THR C 19 -2.96 14.22 9.17
C THR C 19 -3.15 13.55 10.52
N THR C 20 -4.39 13.42 10.95
CA THR C 20 -4.73 12.89 12.26
C THR C 20 -4.12 13.73 13.37
N ARG C 21 -4.59 14.96 13.48
CA ARG C 21 -4.11 15.87 14.52
C ARG C 21 -5.27 16.59 15.20
N THR C 22 -5.25 16.60 16.52
CA THR C 22 -6.30 17.21 17.31
C THR C 22 -6.15 18.71 17.36
N GLN C 23 -7.25 19.42 17.21
CA GLN C 23 -7.23 20.88 17.25
C GLN C 23 -7.72 21.38 18.60
N LEU C 24 -7.12 22.48 19.09
CA LEU C 24 -7.53 23.12 20.34
C LEU C 24 -6.76 24.42 20.57
N THR C 63 3.99 31.95 24.36
CA THR C 63 3.10 31.12 23.55
C THR C 63 3.50 29.66 23.68
N TRP C 64 2.51 28.78 23.77
CA TRP C 64 2.72 27.35 24.01
C TRP C 64 2.56 26.53 22.75
N PHE C 65 3.59 25.78 22.41
CA PHE C 65 3.50 24.83 21.30
C PHE C 65 3.82 23.43 21.79
N HIS C 66 2.98 22.47 21.43
CA HIS C 66 3.15 21.11 21.92
C HIS C 66 3.32 20.11 20.80
N ALA C 67 4.02 19.03 21.08
CA ALA C 67 4.11 17.92 20.15
C ALA C 67 4.07 16.60 20.91
N ILE C 68 2.90 16.25 21.39
CA ILE C 68 2.73 15.06 22.22
C ILE C 68 1.71 14.10 21.65
N HIS C 69 1.72 12.87 22.15
CA HIS C 69 0.70 11.89 21.77
C HIS C 69 0.29 11.05 22.96
N VAL C 70 -0.96 11.18 23.39
CA VAL C 70 -1.47 10.48 24.56
C VAL C 70 -1.88 9.06 24.16
N THR C 76 -5.52 12.44 22.72
CA THR C 76 -5.05 13.71 22.17
C THR C 76 -3.72 13.52 21.44
N LYS C 77 -3.66 13.99 20.20
CA LYS C 77 -2.47 13.90 19.36
C LYS C 77 -2.14 15.26 18.75
N ARG C 78 -0.94 15.74 19.02
CA ARG C 78 -0.53 17.07 18.59
C ARG C 78 0.82 17.04 17.88
N PHE C 79 1.03 18.02 17.02
CA PHE C 79 2.33 18.19 16.38
C PHE C 79 2.42 19.60 15.84
N ASP C 80 2.59 20.55 16.74
CA ASP C 80 2.51 21.95 16.38
C ASP C 80 3.77 22.44 15.69
N ASN C 81 3.64 22.81 14.44
CA ASN C 81 4.73 23.37 13.68
C ASN C 81 4.23 24.41 12.68
N PRO C 82 3.48 25.42 13.14
CA PRO C 82 2.87 26.48 12.38
C PRO C 82 3.91 27.49 11.92
N VAL C 83 3.54 28.30 10.94
CA VAL C 83 4.39 29.39 10.53
C VAL C 83 4.10 30.62 11.37
N LEU C 84 5.12 31.14 12.01
CA LEU C 84 5.00 32.25 12.93
C LEU C 84 5.68 33.49 12.35
N PRO C 85 5.28 34.72 12.74
CA PRO C 85 5.89 35.97 12.30
C PRO C 85 7.28 36.18 12.90
N SER C 98 14.23 14.03 23.94
CA SER C 98 14.36 13.12 22.79
C SER C 98 14.84 13.84 21.51
N ASN C 99 15.30 15.10 21.65
CA ASN C 99 15.79 15.91 20.54
C ASN C 99 14.79 16.02 19.40
N ILE C 100 13.53 16.27 19.75
CA ILE C 100 12.48 16.42 18.76
C ILE C 100 12.64 17.68 17.94
N ILE C 101 13.05 18.77 18.58
CA ILE C 101 13.26 20.02 17.84
C ILE C 101 14.60 19.96 17.14
N ARG C 102 14.57 20.13 15.82
CA ARG C 102 15.79 19.99 15.03
C ARG C 102 16.27 21.29 14.42
N GLY C 103 15.36 22.17 14.08
CA GLY C 103 15.79 23.37 13.38
C GLY C 103 14.66 24.31 13.02
N TRP C 104 14.99 25.30 12.21
CA TRP C 104 14.05 26.33 11.84
C TRP C 104 14.19 26.76 10.39
N ILE C 105 13.07 27.22 9.83
CA ILE C 105 13.04 27.83 8.51
C ILE C 105 12.74 29.31 8.64
N PHE C 106 13.52 30.17 7.99
CA PHE C 106 13.24 31.60 8.05
C PHE C 106 13.09 32.19 6.65
N GLY C 107 12.10 33.06 6.47
CA GLY C 107 11.87 33.74 5.20
C GLY C 107 10.43 34.20 5.05
N GLN C 115 14.63 34.33 -1.45
CA GLN C 115 15.48 33.31 -0.83
C GLN C 115 15.14 33.14 0.64
N SER C 116 15.43 31.95 1.18
CA SER C 116 15.12 31.62 2.57
C SER C 116 16.29 30.92 3.27
N LEU C 117 16.31 31.01 4.58
CA LEU C 117 17.35 30.41 5.39
C LEU C 117 16.89 29.14 6.08
N LEU C 118 17.67 28.08 5.93
CA LEU C 118 17.36 26.82 6.59
C LEU C 118 18.44 26.43 7.57
N ILE C 119 18.07 26.31 8.84
CA ILE C 119 18.98 25.83 9.87
C ILE C 119 18.47 24.53 10.44
N VAL C 120 19.08 23.42 10.06
CA VAL C 120 18.58 22.13 10.53
C VAL C 120 19.69 21.25 11.07
N ASN C 121 19.46 20.69 12.24
CA ASN C 121 20.38 19.74 12.82
C ASN C 121 19.93 18.33 12.52
N ASN C 122 20.58 17.69 11.57
CA ASN C 122 20.21 16.34 11.22
C ASN C 122 20.96 15.39 12.12
N ALA C 123 20.80 14.10 11.90
CA ALA C 123 21.36 13.11 12.83
C ALA C 123 22.87 13.23 12.99
N THR C 124 23.56 13.77 11.99
CA THR C 124 25.01 13.80 12.04
C THR C 124 25.59 15.20 12.07
N ASN C 125 25.15 16.05 11.15
CA ASN C 125 25.74 17.37 11.00
C ASN C 125 24.71 18.48 11.10
N VAL C 126 25.16 19.66 11.51
CA VAL C 126 24.34 20.85 11.47
C VAL C 126 24.48 21.51 10.10
N VAL C 127 23.36 21.71 9.43
CA VAL C 127 23.38 22.25 8.08
C VAL C 127 22.74 23.62 8.00
N ILE C 128 23.52 24.60 7.59
CA ILE C 128 23.01 25.94 7.42
C ILE C 128 23.14 26.38 5.97
N LYS C 129 22.01 26.60 5.32
CA LYS C 129 22.01 26.97 3.90
C LYS C 129 21.02 28.09 3.61
N VAL C 130 21.35 28.91 2.62
CA VAL C 130 20.43 29.90 2.11
C VAL C 130 20.20 29.68 0.63
N CYS C 131 18.97 29.44 0.26
CA CYS C 131 18.64 29.10 -1.13
C CYS C 131 17.23 29.50 -1.48
N GLU C 132 16.92 29.42 -2.78
CA GLU C 132 15.55 29.59 -3.20
C GLU C 132 14.82 28.28 -2.98
N PHE C 133 14.57 27.99 -1.71
CA PHE C 133 13.96 26.74 -1.31
C PHE C 133 12.49 26.70 -1.65
N GLN C 134 12.03 25.54 -2.08
CA GLN C 134 10.61 25.29 -2.20
C GLN C 134 10.20 24.39 -1.07
N PHE C 135 9.82 24.99 0.05
CA PHE C 135 9.59 24.24 1.27
C PHE C 135 8.28 23.49 1.21
N CYS C 136 8.21 22.40 1.97
CA CYS C 136 7.00 21.61 2.12
C CYS C 136 5.97 22.41 2.90
N ASN C 137 4.69 22.20 2.60
CA ASN C 137 3.63 22.85 3.34
C ASN C 137 3.71 22.48 4.81
N ASP C 138 4.19 21.26 5.08
CA ASP C 138 4.32 20.77 6.44
C ASP C 138 5.62 19.98 6.56
N PRO C 139 6.76 20.66 6.70
CA PRO C 139 8.11 20.14 6.67
C PRO C 139 8.43 19.42 7.96
N PHE C 140 9.21 18.36 7.88
CA PHE C 140 9.65 17.65 9.07
C PHE C 140 10.79 16.69 8.77
N LEU C 141 11.36 16.15 9.85
CA LEU C 141 12.33 15.08 9.78
C LEU C 141 11.73 13.86 10.44
N GLY C 142 12.28 12.68 10.19
CA GLY C 142 11.71 11.49 10.82
C GLY C 142 12.75 10.47 11.23
N VAL C 143 12.52 9.85 12.39
CA VAL C 143 13.39 8.84 12.94
C VAL C 143 12.64 7.53 13.07
N TYR C 144 13.18 6.47 12.51
CA TYR C 144 12.53 5.18 12.54
C TYR C 144 13.07 4.33 13.67
N TYR C 145 12.17 3.63 14.35
CA TYR C 145 12.57 2.71 15.39
C TYR C 145 12.56 1.29 14.90
N HIS C 146 13.71 0.66 14.93
CA HIS C 146 13.82 -0.72 14.48
C HIS C 146 13.84 -1.65 15.67
N LYS C 147 12.75 -2.39 15.86
CA LYS C 147 12.60 -3.26 17.00
C LYS C 147 13.58 -4.42 16.93
N ASN C 148 14.07 -4.68 15.72
CA ASN C 148 14.98 -5.80 15.48
C ASN C 148 16.32 -5.63 16.20
N ASN C 149 16.76 -4.39 16.38
CA ASN C 149 18.04 -4.09 17.04
C ASN C 149 17.91 -2.96 18.06
N LYS C 150 16.66 -2.51 18.32
CA LYS C 150 16.36 -1.40 19.24
C LYS C 150 17.15 -0.15 18.85
N SER C 151 17.19 0.12 17.56
CA SER C 151 17.97 1.22 17.04
C SER C 151 17.11 2.34 16.48
N TRP C 152 17.34 3.55 16.95
CA TRP C 152 16.67 4.72 16.42
C TRP C 152 17.53 5.35 15.34
N MET C 153 17.04 5.35 14.11
CA MET C 153 17.84 5.85 13.00
C MET C 153 17.07 6.88 12.20
N GLU C 154 17.75 7.94 11.80
CA GLU C 154 17.11 8.96 11.00
C GLU C 154 16.95 8.49 9.58
N SER C 155 15.74 8.52 9.07
CA SER C 155 15.48 8.01 7.74
C SER C 155 14.79 9.01 6.84
N GLU C 156 14.12 10.00 7.42
CA GLU C 156 13.38 10.94 6.60
C GLU C 156 13.89 12.36 6.71
N PHE C 157 13.96 13.02 5.57
CA PHE C 157 14.25 14.43 5.50
C PHE C 157 13.31 15.06 4.50
N ARG C 158 12.20 15.59 4.98
CA ARG C 158 11.18 16.11 4.08
C ARG C 158 10.92 17.56 4.39
N VAL C 159 11.88 18.40 4.04
CA VAL C 159 11.82 19.81 4.37
C VAL C 159 11.49 20.62 3.13
N TYR C 160 12.11 20.25 2.02
CA TYR C 160 11.92 20.98 0.77
C TYR C 160 11.98 20.06 -0.43
N SER C 161 11.39 20.52 -1.53
CA SER C 161 11.41 19.78 -2.80
C SER C 161 12.56 20.22 -3.69
N SER C 162 13.02 21.44 -3.49
CA SER C 162 14.10 22.00 -4.30
C SER C 162 14.88 23.04 -3.53
N ALA C 163 16.10 23.31 -3.99
CA ALA C 163 16.95 24.31 -3.34
C ALA C 163 17.95 24.92 -4.30
N ASN C 164 17.46 25.71 -5.26
CA ASN C 164 18.30 26.30 -6.30
C ASN C 164 19.04 27.53 -5.78
N THR C 236 10.79 37.45 7.63
CA THR C 236 9.69 37.99 8.42
C THR C 236 8.83 36.89 9.07
N ARG C 237 8.87 35.68 8.50
CA ARG C 237 8.18 34.52 9.06
C ARG C 237 9.13 33.36 9.27
N PHE C 238 8.79 32.45 10.17
CA PHE C 238 9.61 31.27 10.38
C PHE C 238 8.79 30.07 10.80
N GLN C 239 9.37 28.89 10.66
CA GLN C 239 8.69 27.65 11.01
C GLN C 239 9.64 26.69 11.71
N THR C 240 9.16 26.01 12.74
CA THR C 240 10.00 25.09 13.48
C THR C 240 9.95 23.68 12.90
N LEU C 241 11.12 23.08 12.73
CA LEU C 241 11.23 21.71 12.24
C LEU C 241 11.30 20.72 13.38
N LEU C 242 10.32 19.82 13.41
CA LEU C 242 10.24 18.80 14.43
C LEU C 242 10.48 17.43 13.82
N ALA C 243 11.01 16.50 14.61
CA ALA C 243 11.18 15.14 14.16
C ALA C 243 9.98 14.28 14.54
N LEU C 244 9.58 13.39 13.64
CA LEU C 244 8.55 12.39 13.90
C LEU C 244 9.17 11.07 14.30
N HIS C 245 8.41 10.28 15.04
CA HIS C 245 8.82 8.92 15.33
C HIS C 245 7.93 7.94 14.60
N ARG C 246 8.54 6.97 13.93
CA ARG C 246 7.78 5.92 13.28
C ARG C 246 8.27 4.56 13.75
N SER C 247 7.33 3.69 14.07
CA SER C 247 7.65 2.37 14.59
C SER C 247 6.56 1.38 14.24
N TYR C 248 6.72 0.15 14.71
CA TYR C 248 5.72 -0.88 14.49
C TYR C 248 4.41 -0.54 15.20
N LEU C 249 4.46 0.43 16.10
CA LEU C 249 3.28 0.86 16.83
C LEU C 249 2.57 1.99 16.11
N THR C 250 3.08 2.40 14.95
CA THR C 250 2.48 3.48 14.19
C THR C 250 2.23 3.06 12.74
N PRO C 251 1.24 2.19 12.50
CA PRO C 251 0.84 1.70 11.21
C PRO C 251 0.16 2.81 10.43
N GLY C 252 0.19 2.71 9.12
CA GLY C 252 -0.45 3.69 8.25
C GLY C 252 0.48 4.08 7.12
N ASP C 253 0.20 5.22 6.51
CA ASP C 253 1.01 5.74 5.41
C ASP C 253 1.81 6.95 5.85
N SER C 254 2.50 7.59 4.91
CA SER C 254 3.41 8.68 5.24
C SER C 254 2.74 9.84 5.96
N SER C 255 1.42 9.95 5.82
CA SER C 255 0.68 11.07 6.40
C SER C 255 0.13 10.77 7.80
N SER C 256 -0.08 9.50 8.12
CA SER C 256 -0.76 9.16 9.37
C SER C 256 0.01 8.17 10.23
N GLY C 257 0.95 7.46 9.62
CA GLY C 257 1.69 6.42 10.32
C GLY C 257 2.83 7.00 11.13
N TRP C 258 2.50 7.79 12.13
CA TRP C 258 3.51 8.44 12.95
C TRP C 258 3.04 8.78 14.35
N THR C 259 4.00 8.97 15.23
CA THR C 259 3.76 9.50 16.57
C THR C 259 4.81 10.56 16.85
N ALA C 260 4.83 11.07 18.08
CA ALA C 260 5.82 12.07 18.44
C ALA C 260 6.27 11.88 19.87
N GLY C 261 7.55 12.11 20.11
CA GLY C 261 8.07 12.07 21.46
C GLY C 261 7.68 13.34 22.19
N ALA C 262 7.63 13.29 23.50
CA ALA C 262 7.21 14.47 24.24
C ALA C 262 8.12 15.65 23.92
N ALA C 263 7.51 16.79 23.63
CA ALA C 263 8.25 17.99 23.29
C ALA C 263 7.35 19.21 23.44
N ALA C 264 7.97 20.37 23.59
CA ALA C 264 7.25 21.63 23.68
C ALA C 264 8.18 22.78 23.37
N TYR C 265 7.61 23.94 23.01
CA TYR C 265 8.41 25.15 22.69
C TYR C 265 7.47 26.34 22.52
#